data_2RB2
#
_entry.id   2RB2
#
_cell.length_a   60.240
_cell.length_b   60.240
_cell.length_c   96.837
_cell.angle_alpha   90.00
_cell.angle_beta   90.00
_cell.angle_gamma   120.00
#
_symmetry.space_group_name_H-M   'P 32 2 1'
#
loop_
_entity.id
_entity.type
_entity.pdbx_description
1 polymer Lysozyme
2 non-polymer 'PHOSPHATE ION'
3 non-polymer 1-(azidomethyl)-3-methylbenzene
4 water water
#
_entity_poly.entity_id   1
_entity_poly.type   'polypeptide(L)'
_entity_poly.pdbx_seq_one_letter_code
;MNIFEMLRIDEGLRLKIYKDTEGYYTIGIGHLLTKSPSLNAAKSELDKAIGRNTNGVITKDEAEKLFNQDVDAAVRGILR
NAKLKPVYDSLDAVRRAAAINMVFQMGETGVAGFTNSLRMLQQKRWDEAAVNLAKSRWYNQTPNRAKRVITTFRTGTWDA
YK
;
_entity_poly.pdbx_strand_id   X
#
loop_
_chem_comp.id
_chem_comp.type
_chem_comp.name
_chem_comp.formula
263 non-polymer 1-(azidomethyl)-3-methylbenzene 'C8 H9 N3'
PO4 non-polymer 'PHOSPHATE ION' 'O4 P -3'
#
# COMPACT_ATOMS: atom_id res chain seq x y z
N MET A 1 -12.06 11.98 -3.77
CA MET A 1 -10.95 11.03 -3.47
C MET A 1 -11.09 10.41 -2.07
N ASN A 2 -10.60 9.19 -1.96
CA ASN A 2 -10.53 8.44 -0.71
C ASN A 2 -9.46 7.37 -0.91
N ILE A 3 -9.20 6.58 0.14
CA ILE A 3 -8.15 5.56 0.08
C ILE A 3 -8.35 4.53 -1.06
N PHE A 4 -9.60 4.16 -1.32
CA PHE A 4 -9.86 3.21 -2.40
C PHE A 4 -9.49 3.80 -3.75
N GLU A 5 -9.92 5.03 -4.02
CA GLU A 5 -9.63 5.67 -5.30
C GLU A 5 -8.14 5.95 -5.44
N MET A 6 -7.52 6.33 -4.32
CA MET A 6 -6.09 6.65 -4.29
C MET A 6 -5.26 5.42 -4.64
N LEU A 7 -5.50 4.31 -3.94
CA LEU A 7 -4.77 3.09 -4.25
C LEU A 7 -5.10 2.52 -5.62
N ARG A 8 -6.33 2.71 -6.09
CA ARG A 8 -6.68 2.27 -7.43
C ARG A 8 -5.82 2.99 -8.48
N ILE A 9 -5.57 4.27 -8.26
CA ILE A 9 -4.68 5.03 -9.13
C ILE A 9 -3.24 4.52 -9.04
N ASP A 10 -2.75 4.33 -7.82
CA ASP A 10 -1.36 3.95 -7.62
C ASP A 10 -1.05 2.51 -8.02
N GLU A 11 -2.02 1.62 -7.88
CA GLU A 11 -1.83 0.19 -8.14
C GLU A 11 -2.33 -0.30 -9.50
N GLY A 12 -3.28 0.42 -10.09
CA GLY A 12 -3.89 -0.01 -11.35
C GLY A 12 -4.85 -1.17 -11.14
N LEU A 13 -5.33 -1.73 -12.25
CA LEU A 13 -6.18 -2.90 -12.23
C LEU A 13 -5.82 -3.82 -13.38
N ARG A 14 -5.40 -5.03 -13.04
CA ARG A 14 -5.08 -6.03 -14.05
C ARG A 14 -5.71 -7.35 -13.63
N LEU A 15 -6.35 -8.03 -14.58
CA LEU A 15 -7.14 -9.21 -14.27
C LEU A 15 -6.40 -10.53 -14.46
N LYS A 16 -5.18 -10.46 -14.99
CA LYS A 16 -4.30 -11.62 -15.16
C LYS A 16 -3.08 -11.45 -14.26
N ILE A 17 -2.53 -12.56 -13.78
CA ILE A 17 -1.33 -12.49 -12.94
C ILE A 17 -0.24 -11.70 -13.66
N TYR A 18 0.37 -10.78 -12.93
CA TYR A 18 1.46 -9.96 -13.45
C TYR A 18 2.50 -9.81 -12.34
N LYS A 19 3.67 -9.29 -12.70
CA LYS A 19 4.69 -9.02 -11.69
C LYS A 19 4.65 -7.55 -11.31
N ASP A 20 4.69 -7.28 -10.01
CA ASP A 20 4.67 -5.92 -9.49
C ASP A 20 6.02 -5.23 -9.73
N THR A 21 6.19 -4.03 -9.19
CA THR A 21 7.41 -3.27 -9.42
C THR A 21 8.66 -3.95 -8.86
N GLU A 22 8.46 -4.88 -7.93
CA GLU A 22 9.56 -5.61 -7.30
C GLU A 22 9.78 -6.99 -7.93
N GLY A 23 9.00 -7.28 -8.98
CA GLY A 23 9.08 -8.56 -9.69
C GLY A 23 8.28 -9.69 -9.07
N TYR A 24 7.36 -9.37 -8.16
CA TYR A 24 6.56 -10.37 -7.45
C TYR A 24 5.19 -10.57 -8.06
N TYR A 25 4.75 -11.83 -8.14
CA TYR A 25 3.45 -12.16 -8.70
C TYR A 25 2.31 -11.53 -7.93
N THR A 26 1.43 -10.88 -8.70
CA THR A 26 0.41 -9.98 -8.20
C THR A 26 -0.81 -10.09 -9.13
N ILE A 27 -1.98 -9.72 -8.64
CA ILE A 27 -3.17 -9.65 -9.49
C ILE A 27 -4.10 -8.56 -8.99
N GLY A 28 -5.00 -8.13 -9.84
CA GLY A 28 -6.04 -7.25 -9.40
C GLY A 28 -5.53 -5.84 -9.19
N ILE A 29 -5.89 -5.29 -8.04
CA ILE A 29 -5.49 -3.96 -7.61
C ILE A 29 -4.35 -4.06 -6.61
N GLY A 30 -3.19 -4.44 -7.12
CA GLY A 30 -2.09 -4.66 -6.25
C GLY A 30 -2.21 -5.74 -5.22
N HIS A 31 -2.91 -6.81 -5.53
CA HIS A 31 -2.96 -7.93 -4.59
C HIS A 31 -1.73 -8.81 -4.76
N LEU A 32 -0.77 -8.67 -3.85
CA LEU A 32 0.43 -9.47 -3.85
C LEU A 32 0.06 -10.93 -3.58
N LEU A 33 0.46 -11.83 -4.47
CA LEU A 33 0.13 -13.25 -4.31
C LEU A 33 1.17 -14.00 -3.50
N THR A 34 2.43 -13.73 -3.79
CA THR A 34 3.55 -14.43 -3.16
C THR A 34 4.85 -13.77 -3.60
N LYS A 35 5.90 -13.92 -2.80
CA LYS A 35 7.22 -13.49 -3.21
C LYS A 35 8.02 -14.64 -3.86
N SER A 36 7.42 -15.82 -3.94
CA SER A 36 8.00 -16.97 -4.62
C SER A 36 8.17 -16.72 -6.12
N PRO A 37 9.33 -17.11 -6.70
CA PRO A 37 9.50 -16.99 -8.15
C PRO A 37 8.70 -18.04 -8.94
N SER A 38 7.96 -18.90 -8.24
CA SER A 38 7.20 -19.95 -8.88
C SER A 38 5.81 -19.48 -9.30
N LEU A 39 5.54 -19.48 -10.60
CA LEU A 39 4.22 -19.10 -11.10
C LEU A 39 3.12 -20.08 -10.63
N ASN A 40 3.44 -21.37 -10.57
CA ASN A 40 2.50 -22.34 -10.04
C ASN A 40 2.13 -22.03 -8.59
N ALA A 41 3.12 -21.61 -7.80
CA ALA A 41 2.88 -21.24 -6.41
C ALA A 41 1.96 -20.03 -6.33
N ALA A 42 2.15 -19.07 -7.22
CA ALA A 42 1.30 -17.88 -7.28
C ALA A 42 -0.14 -18.24 -7.65
N LYS A 43 -0.28 -19.12 -8.64
CA LYS A 43 -1.61 -19.60 -9.06
C LYS A 43 -2.35 -20.32 -7.92
N SER A 44 -1.63 -21.07 -7.11
CA SER A 44 -2.23 -21.72 -5.94
CA SER A 44 -2.21 -21.73 -5.93
C SER A 44 -2.71 -20.67 -4.94
N GLU A 45 -1.85 -19.69 -4.63
CA GLU A 45 -2.25 -18.60 -3.73
C GLU A 45 -3.49 -17.88 -4.28
N LEU A 46 -3.54 -17.68 -5.59
CA LEU A 46 -4.68 -17.01 -6.19
C LEU A 46 -5.95 -17.82 -6.00
N ASP A 47 -5.89 -19.12 -6.30
CA ASP A 47 -7.05 -19.99 -6.16
C ASP A 47 -7.55 -20.04 -4.71
N LYS A 48 -6.60 -20.05 -3.78
CA LYS A 48 -6.91 -20.03 -2.34
C LYS A 48 -7.60 -18.73 -1.93
N ALA A 49 -7.13 -17.60 -2.49
CA ALA A 49 -7.68 -16.30 -2.14
C ALA A 49 -9.09 -16.09 -2.71
N ILE A 50 -9.32 -16.63 -3.91
CA ILE A 50 -10.59 -16.44 -4.62
C ILE A 50 -11.63 -17.51 -4.30
N GLY A 51 -11.16 -18.71 -3.97
CA GLY A 51 -12.06 -19.82 -3.67
C GLY A 51 -12.59 -20.57 -4.89
N ARG A 52 -11.80 -20.59 -5.96
CA ARG A 52 -12.12 -21.40 -7.13
C ARG A 52 -10.85 -21.58 -7.95
N ASN A 53 -10.90 -22.49 -8.93
CA ASN A 53 -9.77 -22.72 -9.81
C ASN A 53 -9.81 -21.64 -10.90
N THR A 54 -8.93 -20.65 -10.78
CA THR A 54 -8.99 -19.45 -11.63
C THR A 54 -8.18 -19.57 -12.90
N ASN A 55 -7.18 -20.47 -12.90
CA ASN A 55 -6.22 -20.57 -13.99
C ASN A 55 -5.48 -19.24 -14.24
N GLY A 56 -5.34 -18.44 -13.19
CA GLY A 56 -4.57 -17.19 -13.26
C GLY A 56 -5.31 -15.95 -13.76
N VAL A 57 -6.63 -16.05 -13.87
CA VAL A 57 -7.48 -14.96 -14.37
CA VAL A 57 -7.46 -14.93 -14.34
C VAL A 57 -8.66 -14.76 -13.42
N ILE A 58 -8.95 -13.50 -13.10
CA ILE A 58 -10.09 -13.18 -12.26
C ILE A 58 -10.95 -12.10 -12.90
N THR A 59 -12.13 -11.87 -12.32
CA THR A 59 -13.02 -10.82 -12.77
C THR A 59 -12.78 -9.52 -12.02
N LYS A 60 -13.31 -8.42 -12.55
CA LYS A 60 -13.23 -7.13 -11.88
C LYS A 60 -13.84 -7.17 -10.48
N ASP A 61 -15.00 -7.81 -10.33
CA ASP A 61 -15.63 -7.96 -9.01
C ASP A 61 -14.71 -8.69 -8.04
N GLU A 62 -14.06 -9.76 -8.51
CA GLU A 62 -13.14 -10.52 -7.67
C GLU A 62 -11.93 -9.67 -7.30
N ALA A 63 -11.41 -8.90 -8.25
CA ALA A 63 -10.30 -7.98 -7.95
C ALA A 63 -10.70 -6.99 -6.87
N GLU A 64 -11.91 -6.44 -7.00
CA GLU A 64 -12.36 -5.44 -6.04
C GLU A 64 -12.61 -6.05 -4.66
N LYS A 65 -13.04 -7.31 -4.63
CA LYS A 65 -13.22 -8.02 -3.36
C LYS A 65 -11.90 -8.19 -2.61
N LEU A 66 -10.85 -8.65 -3.32
CA LEU A 66 -9.53 -8.78 -2.69
C LEU A 66 -9.02 -7.43 -2.23
N PHE A 67 -9.26 -6.41 -3.04
CA PHE A 67 -8.79 -5.06 -2.74
C PHE A 67 -9.40 -4.53 -1.45
N ASN A 68 -10.70 -4.72 -1.30
CA ASN A 68 -11.37 -4.26 -0.08
C ASN A 68 -10.82 -5.01 1.14
N GLN A 69 -10.57 -6.31 0.99
CA GLN A 69 -9.96 -7.08 2.06
C GLN A 69 -8.57 -6.58 2.40
N ASP A 70 -7.79 -6.26 1.37
CA ASP A 70 -6.39 -5.84 1.55
C ASP A 70 -6.32 -4.47 2.22
N VAL A 71 -7.19 -3.55 1.82
CA VAL A 71 -7.26 -2.22 2.44
C VAL A 71 -7.66 -2.33 3.92
N ASP A 72 -8.74 -3.08 4.16
CA ASP A 72 -9.25 -3.30 5.51
C ASP A 72 -8.16 -3.91 6.40
N ALA A 73 -7.49 -4.95 5.89
CA ALA A 73 -6.43 -5.62 6.66
C ALA A 73 -5.25 -4.69 6.94
N ALA A 74 -4.93 -3.79 6.00
CA ALA A 74 -3.83 -2.84 6.19
C ALA A 74 -4.15 -1.89 7.35
N VAL A 75 -5.37 -1.35 7.35
CA VAL A 75 -5.82 -0.51 8.46
C VAL A 75 -5.79 -1.27 9.80
N ARG A 76 -6.40 -2.45 9.83
CA ARG A 76 -6.49 -3.23 11.08
C ARG A 76 -5.10 -3.53 11.63
N GLY A 77 -4.16 -3.81 10.73
CA GLY A 77 -2.77 -4.02 11.09
C GLY A 77 -2.14 -2.81 11.74
N ILE A 78 -2.30 -1.65 11.12
CA ILE A 78 -1.77 -0.40 11.67
C ILE A 78 -2.23 -0.23 13.11
N LEU A 79 -3.51 -0.47 13.35
CA LEU A 79 -4.11 -0.30 14.67
C LEU A 79 -3.58 -1.30 15.69
N ARG A 80 -3.03 -2.41 15.21
CA ARG A 80 -2.45 -3.47 16.04
CA ARG A 80 -2.48 -3.43 16.09
C ARG A 80 -0.96 -3.26 16.31
N ASN A 81 -0.36 -2.32 15.59
CA ASN A 81 1.06 -2.04 15.71
C ASN A 81 1.31 -0.85 16.64
N ALA A 82 1.97 -1.13 17.78
CA ALA A 82 2.21 -0.14 18.82
C ALA A 82 3.02 1.08 18.36
N LYS A 83 3.87 0.89 17.34
CA LYS A 83 4.64 1.98 16.77
C LYS A 83 3.79 2.85 15.83
N LEU A 84 2.92 2.21 15.06
CA LEU A 84 2.17 2.90 14.02
C LEU A 84 0.84 3.52 14.50
N LYS A 85 0.15 2.85 15.40
CA LYS A 85 -1.16 3.31 15.87
C LYS A 85 -1.14 4.77 16.38
N PRO A 86 -0.22 5.12 17.29
CA PRO A 86 -0.26 6.50 17.79
C PRO A 86 -0.11 7.55 16.69
N VAL A 87 0.76 7.29 15.72
CA VAL A 87 0.93 8.26 14.63
C VAL A 87 -0.34 8.31 13.77
N TYR A 88 -0.86 7.15 13.41
CA TYR A 88 -2.08 7.08 12.62
C TYR A 88 -3.23 7.83 13.30
N ASP A 89 -3.41 7.57 14.59
CA ASP A 89 -4.50 8.21 15.34
C ASP A 89 -4.33 9.72 15.46
N SER A 90 -3.09 10.20 15.38
CA SER A 90 -2.79 11.63 15.48
C SER A 90 -3.15 12.38 14.21
N LEU A 91 -3.31 11.65 13.11
CA LEU A 91 -3.50 12.26 11.78
C LEU A 91 -4.95 12.56 11.46
N ASP A 92 -5.15 13.53 10.57
CA ASP A 92 -6.44 13.74 9.88
C ASP A 92 -6.69 12.61 8.87
N ALA A 93 -7.93 12.51 8.39
CA ALA A 93 -8.31 11.41 7.49
C ALA A 93 -7.55 11.36 6.16
N VAL A 94 -7.20 12.52 5.61
CA VAL A 94 -6.47 12.53 4.32
C VAL A 94 -5.07 11.96 4.53
N ARG A 95 -4.39 12.42 5.57
CA ARG A 95 -3.05 11.88 5.85
C ARG A 95 -3.10 10.42 6.29
N ARG A 96 -4.18 10.01 6.97
CA ARG A 96 -4.35 8.58 7.27
C ARG A 96 -4.37 7.74 6.00
N ALA A 97 -4.97 8.27 4.94
CA ALA A 97 -4.99 7.54 3.67
C ALA A 97 -3.58 7.39 3.11
N ALA A 98 -2.77 8.44 3.22
CA ALA A 98 -1.37 8.34 2.80
C ALA A 98 -0.64 7.23 3.58
N ALA A 99 -0.92 7.15 4.88
CA ALA A 99 -0.33 6.13 5.73
C ALA A 99 -0.74 4.72 5.28
N ILE A 100 -2.03 4.56 5.03
CA ILE A 100 -2.54 3.27 4.55
C ILE A 100 -1.88 2.90 3.22
N ASN A 101 -1.72 3.88 2.34
CA ASN A 101 -1.09 3.68 1.03
C ASN A 101 0.32 3.07 1.20
N MET A 102 1.12 3.68 2.07
CA MET A 102 2.47 3.18 2.28
C MET A 102 2.48 1.75 2.84
N VAL A 103 1.60 1.47 3.80
CA VAL A 103 1.59 0.15 4.41
C VAL A 103 1.08 -0.89 3.41
N PHE A 104 0.10 -0.51 2.59
CA PHE A 104 -0.38 -1.37 1.51
C PHE A 104 0.81 -1.76 0.60
N GLN A 105 1.63 -0.77 0.24
CA GLN A 105 2.73 -1.01 -0.69
C GLN A 105 3.89 -1.82 -0.11
N MET A 106 4.26 -1.49 1.11
CA MET A 106 5.48 -2.01 1.71
CA MET A 106 5.46 -2.06 1.69
C MET A 106 5.31 -2.95 2.88
N GLY A 107 4.12 -2.99 3.43
CA GLY A 107 3.86 -3.77 4.64
C GLY A 107 4.39 -3.05 5.88
N GLU A 108 4.01 -3.57 7.05
CA GLU A 108 4.51 -3.02 8.31
C GLU A 108 6.03 -3.15 8.45
N THR A 109 6.60 -4.27 7.97
CA THR A 109 8.04 -4.47 8.03
CA THR A 109 8.04 -4.49 8.00
C THR A 109 8.75 -3.49 7.09
N GLY A 110 8.12 -3.20 5.96
CA GLY A 110 8.66 -2.27 4.97
C GLY A 110 8.81 -0.86 5.50
N VAL A 111 7.99 -0.48 6.48
CA VAL A 111 8.07 0.86 7.06
C VAL A 111 8.83 0.91 8.38
N ALA A 112 9.48 -0.19 8.77
CA ALA A 112 10.21 -0.23 10.05
C ALA A 112 11.32 0.81 10.16
N GLY A 113 11.94 1.16 9.03
CA GLY A 113 13.01 2.13 9.02
C GLY A 113 12.53 3.57 8.99
N PHE A 114 11.20 3.78 8.99
CA PHE A 114 10.63 5.14 8.88
C PHE A 114 10.41 5.83 10.23
N THR A 115 11.04 5.31 11.28
CA THR A 115 10.92 5.86 12.63
C THR A 115 11.04 7.39 12.70
N ASN A 116 12.04 7.96 12.02
CA ASN A 116 12.23 9.40 12.09
C ASN A 116 11.14 10.18 11.35
N SER A 117 10.69 9.64 10.22
CA SER A 117 9.58 10.25 9.48
C SER A 117 8.30 10.22 10.32
N LEU A 118 8.07 9.07 10.95
CA LEU A 118 6.90 8.88 11.82
C LEU A 118 6.86 9.92 12.94
N ARG A 119 8.01 10.16 13.59
CA ARG A 119 8.08 11.16 14.65
CA ARG A 119 8.09 11.15 14.64
C ARG A 119 7.71 12.53 14.10
N MET A 120 8.28 12.88 12.94
CA MET A 120 7.98 14.20 12.34
C MET A 120 6.50 14.35 11.99
N LEU A 121 5.90 13.28 11.49
CA LEU A 121 4.45 13.28 11.21
C LEU A 121 3.63 13.47 12.48
N GLN A 122 3.99 12.74 13.54
CA GLN A 122 3.34 12.89 14.85
C GLN A 122 3.46 14.34 15.36
N GLN A 123 4.62 14.95 15.12
CA GLN A 123 4.88 16.34 15.50
C GLN A 123 4.21 17.34 14.58
N LYS A 124 3.62 16.87 13.47
CA LYS A 124 3.00 17.74 12.46
C LYS A 124 4.00 18.73 11.86
N ARG A 125 5.25 18.26 11.74
CA ARG A 125 6.28 19.01 11.05
C ARG A 125 6.28 18.55 9.59
N TRP A 126 5.32 19.08 8.83
CA TRP A 126 4.96 18.48 7.56
C TRP A 126 6.04 18.58 6.49
N ASP A 127 6.68 19.75 6.37
CA ASP A 127 7.71 19.90 5.33
C ASP A 127 8.93 19.05 5.68
N GLU A 128 9.30 19.03 6.96
CA GLU A 128 10.42 18.20 7.40
C GLU A 128 10.13 16.72 7.21
N ALA A 129 8.92 16.29 7.54
CA ALA A 129 8.52 14.91 7.32
C ALA A 129 8.64 14.57 5.85
N ALA A 130 8.17 15.48 5.00
CA ALA A 130 8.21 15.23 3.56
C ALA A 130 9.65 15.06 3.06
N VAL A 131 10.57 15.89 3.53
CA VAL A 131 11.98 15.75 3.17
C VAL A 131 12.52 14.40 3.66
N ASN A 132 12.19 14.03 4.90
CA ASN A 132 12.71 12.80 5.46
C ASN A 132 12.17 11.56 4.73
N LEU A 133 10.89 11.61 4.35
CA LEU A 133 10.25 10.49 3.64
C LEU A 133 10.95 10.15 2.33
N ALA A 134 11.48 11.17 1.66
CA ALA A 134 12.13 10.94 0.36
C ALA A 134 13.53 10.35 0.44
N LYS A 135 14.11 10.31 1.63
CA LYS A 135 15.44 9.73 1.83
C LYS A 135 15.28 8.22 2.05
N SER A 136 14.81 7.54 1.01
CA SER A 136 14.39 6.15 1.20
C SER A 136 14.52 5.35 -0.09
N ARG A 137 14.71 4.04 0.07
CA ARG A 137 14.63 3.13 -1.06
C ARG A 137 13.29 3.31 -1.75
N TRP A 138 12.23 3.38 -0.96
CA TRP A 138 10.87 3.59 -1.48
C TRP A 138 10.82 4.70 -2.53
N TYR A 139 11.30 5.88 -2.17
CA TYR A 139 11.24 7.02 -3.06
C TYR A 139 12.08 6.77 -4.32
N ASN A 140 13.26 6.21 -4.15
CA ASN A 140 14.16 6.02 -5.28
C ASN A 140 13.62 5.00 -6.29
N GLN A 141 12.97 3.95 -5.78
CA GLN A 141 12.47 2.88 -6.65
C GLN A 141 11.12 3.22 -7.28
N THR A 142 10.27 3.92 -6.53
CA THR A 142 8.97 4.36 -7.05
C THR A 142 8.77 5.85 -6.80
N PRO A 143 9.55 6.70 -7.49
CA PRO A 143 9.50 8.12 -7.16
C PRO A 143 8.19 8.82 -7.50
N ASN A 144 7.55 8.45 -8.60
CA ASN A 144 6.32 9.16 -8.95
C ASN A 144 5.22 8.89 -7.95
N ARG A 145 5.07 7.63 -7.54
CA ARG A 145 4.11 7.30 -6.51
C ARG A 145 4.50 7.92 -5.17
N ALA A 146 5.78 7.81 -4.81
CA ALA A 146 6.24 8.37 -3.53
C ALA A 146 5.99 9.87 -3.50
N LYS A 147 6.27 10.57 -4.60
CA LYS A 147 5.99 12.02 -4.64
C LYS A 147 4.50 12.33 -4.36
N ARG A 148 3.59 11.52 -4.90
CA ARG A 148 2.15 11.71 -4.67
C ARG A 148 1.80 11.50 -3.21
N VAL A 149 2.31 10.42 -2.65
CA VAL A 149 2.03 10.09 -1.26
C VAL A 149 2.65 11.15 -0.35
N ILE A 150 3.88 11.55 -0.64
CA ILE A 150 4.54 12.57 0.17
C ILE A 150 3.81 13.92 0.10
N THR A 151 3.35 14.32 -1.08
CA THR A 151 2.56 15.56 -1.21
C THR A 151 1.31 15.50 -0.34
N THR A 152 0.71 14.31 -0.26
CA THR A 152 -0.49 14.12 0.53
C THR A 152 -0.18 14.31 2.01
N PHE A 153 0.93 13.73 2.48
CA PHE A 153 1.38 14.00 3.85
C PHE A 153 1.77 15.46 4.08
N ARG A 154 2.39 16.10 3.09
CA ARG A 154 2.85 17.46 3.28
C ARG A 154 1.67 18.43 3.42
N THR A 155 0.65 18.22 2.60
CA THR A 155 -0.42 19.22 2.43
C THR A 155 -1.73 18.86 3.14
N GLY A 156 -1.96 17.57 3.39
CA GLY A 156 -3.25 17.14 3.91
C GLY A 156 -4.38 17.37 2.90
N THR A 157 -4.02 17.47 1.62
CA THR A 157 -5.00 17.59 0.54
C THR A 157 -4.81 16.46 -0.45
N TRP A 158 -5.74 16.37 -1.39
CA TRP A 158 -5.71 15.37 -2.45
C TRP A 158 -5.15 15.92 -3.77
N ASP A 159 -4.42 17.02 -3.69
CA ASP A 159 -3.94 17.73 -4.89
C ASP A 159 -3.13 16.83 -5.84
N ALA A 160 -2.35 15.90 -5.26
CA ALA A 160 -1.50 15.03 -6.06
C ALA A 160 -2.27 13.99 -6.87
N TYR A 161 -3.56 13.81 -6.54
CA TYR A 161 -4.37 12.77 -7.20
C TYR A 161 -5.47 13.39 -8.08
N LYS A 162 -5.38 14.72 -8.25
CA LYS A 162 -6.45 15.56 -8.81
C LYS A 162 -7.69 15.53 -7.93
P PO4 B . 7.76 22.27 9.18
O1 PO4 B . 8.58 23.54 8.93
O2 PO4 B . 8.64 21.02 9.13
O3 PO4 B . 7.10 22.30 10.55
O4 PO4 B . 6.75 22.13 8.08
P PO4 C . 0.97 14.67 20.64
O1 PO4 C . 0.73 16.14 20.34
O2 PO4 C . 2.43 14.46 20.96
O3 PO4 C . 0.08 14.27 21.79
O4 PO4 C . 0.61 13.85 19.43
P PO4 D . 18.53 14.51 9.05
O1 PO4 D . 18.82 14.25 7.59
O2 PO4 D . 19.67 15.27 9.69
O3 PO4 D . 17.25 15.32 9.17
O4 PO4 D . 18.36 13.19 9.75
C4 263 E . 2.28 4.62 8.71
C14 263 E . 3.06 5.43 7.89
C5 263 E . 3.04 6.80 8.08
C6 263 E . 2.26 7.38 9.08
C11 263 E . 1.48 6.57 9.89
C7 263 E . 1.49 5.18 9.70
C8 263 E . 0.64 4.30 10.59
C13 263 E . 3.92 4.79 6.81
N1 263 E . 5.34 4.82 7.22
N2 263 E . 5.90 5.97 7.50
N3 263 E . 6.43 7.11 7.77
#